data_8E1Z
#
_entry.id   8E1Z
#
_cell.length_a   35.730
_cell.length_b   74.180
_cell.length_c   69.820
_cell.angle_alpha   90.000
_cell.angle_beta   105.170
_cell.angle_gamma   90.000
#
_symmetry.space_group_name_H-M   'P 1 21 1'
#
loop_
_entity.id
_entity.type
_entity.pdbx_description
1 polymer 'Ookinete surface protein Pfs28'
2 non-polymer 'SULFATE ION'
3 non-polymer 'CHLORIDE ION'
4 water water
#
_entity_poly.entity_id   1
_entity_poly.type   'polypeptide(L)'
_entity_poly.pdbx_seq_one_letter_code
;TGVTENTICKYGYLIQMSNHYECKCIEGYVLINEDTCGKKVVCDKVENSFKACDEYAYCFDLGNKNNEKQIKCMCRTEYT
LTAGVCVPNVCRDKVCGKGKCIVDPANSLTHTCSCNIGTILNQNKLCDIQGDTPCSLKCAENEVCTLEGNYYTCKEDPSS
NGGGNTVDQADTSYSGTKHHHHHH
;
_entity_poly.pdbx_strand_id   A,B
#
# COMPACT_ATOMS: atom_id res chain seq x y z
N THR A 1 -6.01 3.88 1.09
CA THR A 1 -5.40 3.32 2.33
C THR A 1 -6.27 2.19 2.89
N GLY A 2 -5.62 1.21 3.51
CA GLY A 2 -6.34 0.11 4.13
C GLY A 2 -6.63 0.37 5.58
N VAL A 3 -6.51 -0.66 6.41
CA VAL A 3 -6.84 -0.56 7.83
C VAL A 3 -5.68 0.08 8.58
N THR A 4 -5.99 1.06 9.42
CA THR A 4 -4.99 1.74 10.23
C THR A 4 -5.32 1.56 11.72
N GLU A 5 -4.56 2.26 12.57
CA GLU A 5 -4.77 2.18 14.01
C GLU A 5 -6.07 2.85 14.43
N ASN A 6 -6.55 3.81 13.64
CA ASN A 6 -7.79 4.51 13.93
C ASN A 6 -8.96 3.99 13.11
N THR A 7 -8.77 2.94 12.32
CA THR A 7 -9.88 2.40 11.54
C THR A 7 -10.97 1.86 12.46
N ILE A 8 -12.22 2.08 12.07
CA ILE A 8 -13.36 1.55 12.80
C ILE A 8 -13.91 0.37 12.01
N CYS A 9 -13.93 -0.80 12.63
CA CYS A 9 -14.37 -2.03 11.99
C CYS A 9 -15.86 -2.21 12.29
N LYS A 10 -16.68 -2.14 11.24
CA LYS A 10 -18.11 -2.36 11.40
C LYS A 10 -18.37 -3.83 11.68
N TYR A 11 -19.04 -4.10 12.81
CA TYR A 11 -19.32 -5.46 13.28
C TYR A 11 -18.04 -6.28 13.39
N GLY A 12 -16.96 -5.62 13.81
CA GLY A 12 -15.69 -6.27 13.99
C GLY A 12 -14.82 -5.42 14.91
N TYR A 13 -13.63 -5.96 15.21
CA TYR A 13 -12.71 -5.35 16.14
C TYR A 13 -11.31 -5.37 15.56
N LEU A 14 -10.47 -4.47 16.04
CA LEU A 14 -9.13 -4.30 15.48
C LEU A 14 -8.17 -5.33 16.04
N ILE A 15 -7.30 -5.84 15.16
CA ILE A 15 -6.21 -6.73 15.53
C ILE A 15 -4.95 -6.15 14.93
N GLN A 16 -3.81 -6.50 15.50
CA GLN A 16 -2.52 -6.01 15.02
C GLN A 16 -1.59 -7.17 14.71
N MET A 17 -1.00 -7.14 13.54
CA MET A 17 0.02 -8.08 13.11
C MET A 17 1.36 -7.35 13.09
N SER A 18 2.38 -8.01 12.58
CA SER A 18 3.73 -7.47 12.70
C SER A 18 3.89 -6.17 11.93
N ASN A 19 3.27 -6.06 10.75
CA ASN A 19 3.47 -4.91 9.90
C ASN A 19 2.18 -4.27 9.41
N HIS A 20 1.02 -4.73 9.87
CA HIS A 20 -0.23 -4.11 9.49
C HIS A 20 -1.28 -4.33 10.57
N TYR A 21 -2.28 -3.45 10.57
CA TYR A 21 -3.53 -3.66 11.28
C TYR A 21 -4.53 -4.32 10.34
N GLU A 22 -5.46 -5.09 10.91
CA GLU A 22 -6.56 -5.66 10.16
C GLU A 22 -7.81 -5.62 11.03
N CYS A 23 -8.96 -5.80 10.39
CA CYS A 23 -10.23 -5.94 11.10
C CYS A 23 -10.61 -7.43 11.15
N LYS A 24 -11.02 -7.88 12.33
CA LYS A 24 -11.55 -9.23 12.53
C LYS A 24 -12.99 -9.09 12.99
N CYS A 25 -13.84 -10.00 12.52
CA CYS A 25 -15.28 -9.85 12.69
C CYS A 25 -15.76 -10.45 14.01
N ILE A 26 -16.88 -9.90 14.50
CA ILE A 26 -17.52 -10.42 15.70
C ILE A 26 -18.07 -11.81 15.41
N GLU A 27 -18.45 -12.54 16.46
CA GLU A 27 -18.99 -13.87 16.29
C GLU A 27 -20.20 -13.83 15.36
N GLY A 28 -20.23 -14.75 14.40
CA GLY A 28 -21.32 -14.86 13.46
C GLY A 28 -21.26 -13.91 12.28
N TYR A 29 -20.18 -13.17 12.13
CA TYR A 29 -20.01 -12.23 11.03
C TYR A 29 -18.76 -12.58 10.24
N VAL A 30 -18.74 -12.14 8.98
CA VAL A 30 -17.62 -12.37 8.08
C VAL A 30 -17.33 -11.07 7.35
N LEU A 31 -16.15 -11.02 6.72
CA LEU A 31 -15.68 -9.78 6.12
C LEU A 31 -16.35 -9.55 4.77
N ILE A 32 -16.81 -8.32 4.57
CA ILE A 32 -17.24 -7.83 3.27
C ILE A 32 -16.14 -7.01 2.61
N ASN A 33 -15.63 -6.02 3.34
CA ASN A 33 -14.48 -5.21 2.97
C ASN A 33 -13.36 -5.45 3.98
N GLU A 34 -12.25 -4.73 3.80
CA GLU A 34 -11.18 -4.79 4.77
C GLU A 34 -11.63 -4.31 6.15
N ASP A 35 -12.63 -3.41 6.20
CA ASP A 35 -13.07 -2.83 7.47
C ASP A 35 -14.57 -2.98 7.69
N THR A 36 -15.22 -3.92 7.02
CA THR A 36 -16.67 -4.09 7.16
C THR A 36 -17.02 -5.57 7.22
N CYS A 37 -17.88 -5.93 8.17
CA CYS A 37 -18.36 -7.29 8.34
C CYS A 37 -19.88 -7.32 8.22
N GLY A 38 -20.41 -8.46 7.79
CA GLY A 38 -21.85 -8.66 7.75
C GLY A 38 -22.20 -10.04 8.27
N LYS A 39 -23.47 -10.20 8.63
CA LYS A 39 -23.91 -11.49 9.18
C LYS A 39 -23.63 -12.61 8.18
N LYS A 40 -23.05 -13.69 8.68
CA LYS A 40 -22.93 -14.92 7.90
C LYS A 40 -24.33 -15.47 7.66
N VAL A 41 -24.74 -15.50 6.38
CA VAL A 41 -26.07 -15.93 5.99
C VAL A 41 -25.96 -17.28 5.30
N VAL A 42 -26.94 -18.15 5.56
CA VAL A 42 -27.03 -19.42 4.84
C VAL A 42 -27.53 -19.17 3.43
N CYS A 43 -26.78 -19.65 2.44
CA CYS A 43 -27.18 -19.53 1.04
C CYS A 43 -28.14 -20.66 0.72
N ASP A 44 -29.43 -20.44 0.99
CA ASP A 44 -30.44 -21.42 0.63
C ASP A 44 -31.68 -20.79 0.00
N LYS A 45 -31.64 -19.50 -0.34
CA LYS A 45 -32.76 -18.84 -1.00
C LYS A 45 -32.21 -17.87 -2.04
N VAL A 46 -32.96 -17.68 -3.12
CA VAL A 46 -32.57 -16.67 -4.09
C VAL A 46 -32.65 -15.29 -3.45
N GLU A 47 -33.56 -15.10 -2.49
CA GLU A 47 -33.68 -13.85 -1.77
C GLU A 47 -32.39 -13.48 -1.04
N ASN A 48 -31.53 -14.45 -0.77
CA ASN A 48 -30.30 -14.23 -0.04
C ASN A 48 -29.11 -13.97 -0.94
N SER A 49 -29.33 -13.86 -2.25
CA SER A 49 -28.23 -13.61 -3.17
C SER A 49 -27.48 -12.34 -2.77
N PHE A 50 -26.15 -12.42 -2.81
CA PHE A 50 -25.25 -11.29 -2.58
C PHE A 50 -25.15 -10.92 -1.11
N LYS A 51 -25.74 -11.72 -0.23
CA LYS A 51 -25.51 -11.55 1.20
C LYS A 51 -24.24 -12.27 1.61
N ALA A 52 -23.60 -11.75 2.66
CA ALA A 52 -22.38 -12.35 3.18
C ALA A 52 -22.63 -13.80 3.58
N CYS A 53 -21.76 -14.70 3.11
CA CYS A 53 -21.78 -16.09 3.52
C CYS A 53 -20.44 -16.62 3.98
N ASP A 54 -19.35 -15.89 3.79
CA ASP A 54 -18.02 -16.28 4.25
C ASP A 54 -17.11 -15.08 4.00
N GLU A 55 -15.84 -15.22 4.38
CA GLU A 55 -14.90 -14.11 4.25
C GLU A 55 -14.75 -13.73 2.77
N TYR A 56 -15.10 -12.48 2.45
CA TYR A 56 -15.03 -11.97 1.09
C TYR A 56 -15.86 -12.80 0.12
N ALA A 57 -16.94 -13.41 0.62
CA ALA A 57 -17.82 -14.27 -0.17
C ALA A 57 -19.26 -13.82 0.02
N TYR A 58 -20.08 -14.05 -1.00
CA TYR A 58 -21.51 -13.77 -0.94
C TYR A 58 -22.27 -14.86 -1.69
N CYS A 59 -23.54 -15.03 -1.33
CA CYS A 59 -24.37 -16.06 -1.94
C CYS A 59 -24.59 -15.77 -3.41
N PHE A 60 -24.53 -16.83 -4.24
CA PHE A 60 -24.62 -16.71 -5.68
C PHE A 60 -25.45 -17.87 -6.21
N ASP A 61 -26.41 -17.56 -7.08
CA ASP A 61 -27.34 -18.55 -7.64
C ASP A 61 -27.11 -18.65 -9.15
N LEU A 62 -27.09 -19.88 -9.65
CA LEU A 62 -26.87 -20.15 -11.06
C LEU A 62 -28.11 -20.80 -11.66
N GLY A 63 -28.59 -20.25 -12.76
CA GLY A 63 -29.65 -20.86 -13.53
C GLY A 63 -29.14 -21.72 -14.67
N ASN A 64 -28.59 -22.89 -14.38
CA ASN A 64 -28.03 -23.72 -15.44
C ASN A 64 -29.14 -24.30 -16.32
N LYS A 65 -29.76 -23.44 -17.14
CA LYS A 65 -30.93 -23.79 -17.96
C LYS A 65 -31.87 -24.64 -17.11
N ASN A 66 -32.09 -24.22 -15.87
CA ASN A 66 -32.91 -24.96 -14.92
C ASN A 66 -33.94 -24.02 -14.31
N ASN A 67 -34.87 -24.62 -13.56
CA ASN A 67 -35.73 -23.88 -12.65
C ASN A 67 -35.38 -24.13 -11.19
N GLU A 68 -34.48 -25.08 -10.91
CA GLU A 68 -34.08 -25.38 -9.56
C GLU A 68 -33.04 -24.37 -9.07
N LYS A 69 -32.97 -24.21 -7.76
CA LYS A 69 -31.97 -23.36 -7.15
C LYS A 69 -30.62 -24.07 -7.17
N GLN A 70 -29.61 -23.40 -7.75
CA GLN A 70 -28.22 -23.86 -7.75
C GLN A 70 -27.42 -22.74 -7.10
N ILE A 71 -27.30 -22.79 -5.77
CA ILE A 71 -26.77 -21.68 -4.99
C ILE A 71 -25.54 -22.16 -4.24
N LYS A 72 -24.52 -21.29 -4.16
CA LYS A 72 -23.31 -21.60 -3.43
C LYS A 72 -22.75 -20.31 -2.84
N CYS A 73 -21.78 -20.47 -1.95
CA CYS A 73 -21.04 -19.34 -1.39
C CYS A 73 -19.86 -19.04 -2.30
N MET A 74 -19.87 -17.86 -2.91
CA MET A 74 -18.91 -17.51 -3.94
C MET A 74 -18.13 -16.25 -3.55
N CYS A 75 -16.86 -16.22 -3.93
CA CYS A 75 -16.02 -15.07 -3.65
C CYS A 75 -16.61 -13.81 -4.29
N ARG A 76 -16.61 -12.72 -3.53
CA ARG A 76 -17.13 -11.46 -4.05
C ARG A 76 -16.29 -11.03 -5.27
N THR A 77 -16.90 -10.20 -6.11
CA THR A 77 -16.18 -9.61 -7.23
C THR A 77 -14.93 -8.92 -6.70
N GLU A 78 -13.82 -9.09 -7.42
CA GLU A 78 -12.48 -8.62 -7.06
C GLU A 78 -11.80 -9.55 -6.05
N TYR A 79 -12.37 -10.73 -5.80
CA TYR A 79 -11.75 -11.72 -4.93
C TYR A 79 -11.78 -13.08 -5.63
N THR A 80 -10.90 -13.97 -5.18
CA THR A 80 -10.78 -15.29 -5.79
C THR A 80 -10.31 -16.28 -4.72
N LEU A 81 -10.48 -17.56 -5.02
CA LEU A 81 -10.17 -18.60 -4.04
C LEU A 81 -8.68 -18.90 -4.03
N THR A 82 -8.16 -19.17 -2.83
CA THR A 82 -6.76 -19.57 -2.67
C THR A 82 -6.67 -20.33 -1.35
N ALA A 83 -6.30 -21.60 -1.42
CA ALA A 83 -6.20 -22.44 -0.23
C ALA A 83 -7.54 -22.54 0.49
N GLY A 84 -8.61 -22.63 -0.28
CA GLY A 84 -9.94 -22.80 0.27
C GLY A 84 -10.55 -21.57 0.88
N VAL A 85 -9.97 -20.39 0.65
CA VAL A 85 -10.49 -19.15 1.21
C VAL A 85 -10.38 -18.05 0.16
N CYS A 86 -11.37 -17.17 0.13
CA CYS A 86 -11.37 -16.07 -0.81
C CYS A 86 -10.33 -15.03 -0.42
N VAL A 87 -9.59 -14.55 -1.42
CA VAL A 87 -8.53 -13.57 -1.21
C VAL A 87 -8.62 -12.51 -2.29
N PRO A 88 -8.01 -11.36 -2.06
CA PRO A 88 -7.97 -10.33 -3.11
C PRO A 88 -7.31 -10.87 -4.37
N ASN A 89 -7.74 -10.34 -5.51
CA ASN A 89 -7.22 -10.82 -6.79
C ASN A 89 -5.70 -10.68 -6.86
N VAL A 90 -5.15 -9.60 -6.27
CA VAL A 90 -3.71 -9.45 -6.23
C VAL A 90 -3.04 -10.57 -5.42
N CYS A 91 -3.83 -11.30 -4.63
CA CYS A 91 -3.34 -12.38 -3.80
C CYS A 91 -3.52 -13.75 -4.44
N ARG A 92 -3.86 -13.81 -5.73
CA ARG A 92 -4.09 -15.07 -6.41
C ARG A 92 -2.91 -16.03 -6.25
N ASP A 93 -3.11 -17.13 -5.53
CA ASP A 93 -2.09 -18.17 -5.34
C ASP A 93 -0.74 -17.55 -4.97
N LYS A 94 -0.76 -16.61 -4.04
CA LYS A 94 0.45 -16.00 -3.49
C LYS A 94 0.72 -16.58 -2.11
N VAL A 95 1.99 -16.70 -1.77
CA VAL A 95 2.40 -17.26 -0.49
C VAL A 95 3.04 -16.18 0.36
N CYS A 96 2.89 -16.33 1.67
CA CYS A 96 3.39 -15.35 2.62
C CYS A 96 4.30 -15.94 3.68
N GLY A 97 4.42 -17.26 3.78
CA GLY A 97 5.14 -17.84 4.90
C GLY A 97 4.29 -17.73 6.16
N LYS A 98 4.89 -17.20 7.23
CA LYS A 98 4.19 -17.00 8.49
C LYS A 98 3.46 -15.65 8.46
N GLY A 99 2.42 -15.60 7.63
CA GLY A 99 1.69 -14.36 7.46
C GLY A 99 0.48 -14.58 6.58
N LYS A 100 -0.28 -13.50 6.40
CA LYS A 100 -1.53 -13.53 5.65
C LYS A 100 -1.40 -12.58 4.46
N CYS A 101 -1.82 -13.05 3.29
CA CYS A 101 -1.77 -12.23 2.09
C CYS A 101 -2.90 -11.20 2.13
N ILE A 102 -2.57 -9.95 1.81
CA ILE A 102 -3.52 -8.87 1.75
C ILE A 102 -3.20 -7.99 0.55
N VAL A 103 -4.09 -7.04 0.28
CA VAL A 103 -3.79 -5.98 -0.68
C VAL A 103 -2.77 -5.03 -0.06
N ASP A 104 -1.75 -4.67 -0.82
CA ASP A 104 -0.73 -3.75 -0.31
C ASP A 104 -1.32 -2.36 -0.18
N PRO A 105 -1.43 -1.80 1.03
CA PRO A 105 -2.02 -0.46 1.15
C PRO A 105 -1.23 0.60 0.41
N ALA A 106 0.09 0.45 0.29
CA ALA A 106 0.92 1.43 -0.39
C ALA A 106 0.78 1.37 -1.90
N ASN A 107 0.30 0.25 -2.44
CA ASN A 107 0.09 0.13 -3.89
C ASN A 107 -1.00 -0.93 -4.08
N SER A 108 -2.21 -0.49 -4.42
CA SER A 108 -3.34 -1.41 -4.52
C SER A 108 -3.17 -2.43 -5.64
N LEU A 109 -2.27 -2.17 -6.60
CA LEU A 109 -2.08 -3.07 -7.72
C LEU A 109 -1.30 -4.32 -7.35
N THR A 110 -0.63 -4.34 -6.20
CA THR A 110 0.17 -5.47 -5.77
C THR A 110 -0.35 -6.00 -4.45
N HIS A 111 0.13 -7.18 -4.10
CA HIS A 111 -0.15 -7.79 -2.81
C HIS A 111 1.03 -7.57 -1.86
N THR A 112 0.75 -7.69 -0.57
CA THR A 112 1.78 -7.73 0.46
C THR A 112 1.35 -8.79 1.47
N CYS A 113 2.15 -8.98 2.50
CA CYS A 113 1.89 -10.00 3.51
C CYS A 113 1.84 -9.36 4.90
N SER A 114 0.76 -9.62 5.62
CA SER A 114 0.64 -9.23 7.02
C SER A 114 1.16 -10.37 7.87
N CYS A 115 2.29 -10.17 8.51
CA CYS A 115 3.01 -11.26 9.16
C CYS A 115 2.49 -11.52 10.56
N ASN A 116 2.50 -12.80 10.94
CA ASN A 116 2.16 -13.16 12.31
C ASN A 116 3.12 -12.48 13.28
N ILE A 117 2.61 -12.11 14.45
CA ILE A 117 3.45 -11.52 15.48
C ILE A 117 4.61 -12.46 15.78
N GLY A 118 5.80 -11.89 15.91
CA GLY A 118 7.03 -12.66 16.03
C GLY A 118 7.77 -12.86 14.73
N THR A 119 7.15 -12.54 13.60
CA THR A 119 7.77 -12.62 12.29
C THR A 119 7.60 -11.27 11.61
N ILE A 120 8.67 -10.78 11.00
CA ILE A 120 8.60 -9.56 10.21
C ILE A 120 8.77 -9.91 8.75
N LEU A 121 8.61 -8.92 7.89
CA LEU A 121 8.53 -9.14 6.45
C LEU A 121 9.90 -9.01 5.81
N ASN A 122 10.25 -9.98 4.98
CA ASN A 122 11.50 -9.92 4.24
C ASN A 122 11.32 -9.07 2.99
N GLN A 123 12.44 -8.67 2.39
CA GLN A 123 12.38 -7.75 1.25
C GLN A 123 11.75 -8.38 0.02
N ASN A 124 11.58 -9.69 -0.02
CA ASN A 124 10.84 -10.34 -1.10
C ASN A 124 9.36 -10.53 -0.75
N LYS A 125 8.87 -9.81 0.26
CA LYS A 125 7.48 -9.90 0.68
C LYS A 125 7.13 -11.31 1.16
N LEU A 126 8.04 -11.91 1.92
CA LEU A 126 7.79 -13.17 2.62
C LEU A 126 7.99 -12.95 4.11
N CYS A 127 7.08 -13.54 4.89
CA CYS A 127 7.15 -13.49 6.35
C CYS A 127 8.00 -14.65 6.84
N ASP A 128 9.32 -14.47 6.74
CA ASP A 128 10.26 -15.51 7.16
C ASP A 128 11.45 -14.96 7.94
N ILE A 129 11.30 -13.80 8.59
CA ILE A 129 12.36 -13.21 9.37
C ILE A 129 11.87 -13.06 10.81
N GLN A 130 12.74 -13.37 11.77
CA GLN A 130 12.38 -13.29 13.17
C GLN A 130 12.55 -11.86 13.67
N GLY A 131 11.43 -11.22 13.98
CA GLY A 131 11.44 -9.92 14.64
C GLY A 131 10.20 -9.80 15.49
N ASP A 132 10.28 -8.98 16.52
CA ASP A 132 9.21 -8.83 17.50
C ASP A 132 8.66 -7.41 17.44
N THR A 133 7.44 -7.28 16.91
CA THR A 133 6.79 -5.97 16.78
C THR A 133 6.04 -5.61 18.06
N PRO A 134 6.28 -4.44 18.65
CA PRO A 134 5.52 -4.06 19.84
C PRO A 134 4.05 -3.83 19.50
N CYS A 135 3.20 -3.96 20.52
CA CYS A 135 1.78 -3.69 20.36
C CYS A 135 1.55 -2.19 20.31
N SER A 136 0.78 -1.74 19.31
CA SER A 136 0.51 -0.33 19.10
C SER A 136 -1.00 -0.07 19.01
N LEU A 137 -1.80 -0.91 19.63
CA LEU A 137 -3.24 -0.71 19.65
C LEU A 137 -3.62 0.28 20.74
N LYS A 138 -4.73 1.00 20.49
CA LYS A 138 -5.34 1.87 21.49
C LYS A 138 -6.51 1.11 22.10
N CYS A 139 -6.28 0.51 23.25
CA CYS A 139 -7.30 -0.30 23.90
C CYS A 139 -8.21 0.55 24.78
N ALA A 140 -9.45 0.09 24.93
CA ALA A 140 -10.48 0.88 25.59
C ALA A 140 -10.33 0.78 27.11
N GLU A 141 -11.36 1.24 27.83
CA GLU A 141 -11.35 1.20 29.28
C GLU A 141 -11.35 -0.24 29.78
N ASN A 142 -10.55 -0.49 30.82
CA ASN A 142 -10.45 -1.83 31.40
C ASN A 142 -10.11 -2.87 30.33
N GLU A 143 -9.24 -2.46 29.39
CA GLU A 143 -8.80 -3.34 28.31
C GLU A 143 -7.28 -3.30 28.22
N VAL A 144 -6.70 -4.42 27.79
CA VAL A 144 -5.26 -4.58 27.71
C VAL A 144 -4.92 -5.30 26.41
N CYS A 145 -3.87 -4.82 25.73
CA CYS A 145 -3.41 -5.49 24.52
C CYS A 145 -2.98 -6.91 24.86
N THR A 146 -3.52 -7.88 24.12
CA THR A 146 -3.28 -9.29 24.37
C THR A 146 -2.91 -9.98 23.07
N LEU A 147 -1.90 -10.84 23.11
CA LEU A 147 -1.50 -11.60 21.93
C LEU A 147 -2.36 -12.87 21.88
N GLU A 148 -3.24 -12.93 20.87
CA GLU A 148 -4.10 -14.08 20.63
C GLU A 148 -3.55 -14.78 19.40
N GLY A 149 -2.69 -15.77 19.62
CA GLY A 149 -2.14 -16.53 18.52
C GLY A 149 -1.18 -15.74 17.67
N ASN A 150 -1.61 -15.33 16.48
CA ASN A 150 -0.76 -14.64 15.52
C ASN A 150 -0.94 -13.12 15.53
N TYR A 151 -1.84 -12.58 16.34
CA TYR A 151 -2.17 -11.16 16.28
C TYR A 151 -2.46 -10.63 17.67
N TYR A 152 -2.10 -9.36 17.88
CA TYR A 152 -2.50 -8.65 19.09
C TYR A 152 -3.97 -8.24 18.98
N THR A 153 -4.64 -8.13 20.12
CA THR A 153 -5.98 -7.58 20.13
C THR A 153 -6.29 -7.06 21.52
N CYS A 154 -7.17 -6.07 21.59
CA CYS A 154 -7.59 -5.52 22.88
C CYS A 154 -8.61 -6.47 23.49
N LYS A 155 -8.36 -6.87 24.73
CA LYS A 155 -9.21 -7.78 25.47
C LYS A 155 -9.60 -7.15 26.80
N GLU A 156 -10.74 -7.59 27.33
CA GLU A 156 -11.19 -7.10 28.63
C GLU A 156 -10.39 -7.74 29.75
N ASP A 157 -10.16 -6.97 30.82
CA ASP A 157 -9.42 -7.45 31.97
C ASP A 157 -10.22 -8.49 32.75
N GLY B 2 2.12 3.24 -14.77
CA GLY B 2 3.08 4.39 -14.80
C GLY B 2 2.39 5.74 -14.75
N VAL B 3 3.15 6.78 -14.39
CA VAL B 3 2.61 8.13 -14.26
C VAL B 3 2.48 8.76 -15.64
N THR B 4 1.38 9.46 -15.86
CA THR B 4 0.97 9.93 -17.18
C THR B 4 0.50 11.36 -17.07
N GLU B 5 0.30 12.00 -18.23
CA GLU B 5 -0.20 13.37 -18.24
C GLU B 5 -1.55 13.48 -17.53
N ASN B 6 -2.37 12.44 -17.60
CA ASN B 6 -3.68 12.44 -16.97
C ASN B 6 -3.65 11.90 -15.54
N THR B 7 -2.48 11.52 -15.04
CA THR B 7 -2.38 10.95 -13.71
C THR B 7 -2.80 11.97 -12.65
N ILE B 8 -3.42 11.45 -11.59
CA ILE B 8 -3.83 12.26 -10.44
C ILE B 8 -2.91 11.92 -9.28
N CYS B 9 -2.29 12.93 -8.70
CA CYS B 9 -1.37 12.76 -7.58
C CYS B 9 -2.11 13.10 -6.29
N LYS B 10 -2.46 12.08 -5.51
CA LYS B 10 -3.12 12.33 -4.23
C LYS B 10 -2.20 13.10 -3.31
N TYR B 11 -2.72 14.20 -2.76
CA TYR B 11 -1.93 15.11 -1.90
C TYR B 11 -0.62 15.52 -2.58
N GLY B 12 -0.67 15.68 -3.89
CA GLY B 12 0.51 16.05 -4.66
C GLY B 12 0.20 16.81 -5.93
N TYR B 13 1.18 16.99 -6.81
CA TYR B 13 0.94 17.66 -8.08
C TYR B 13 1.83 17.06 -9.17
N LEU B 14 1.37 17.18 -10.41
CA LEU B 14 1.98 16.50 -11.54
C LEU B 14 3.09 17.38 -12.13
N ILE B 15 4.30 16.82 -12.20
CA ILE B 15 5.42 17.47 -12.84
C ILE B 15 5.76 16.68 -14.11
N GLN B 16 6.32 17.38 -15.10
CA GLN B 16 6.79 16.75 -16.32
C GLN B 16 8.29 17.00 -16.45
N MET B 17 9.05 15.92 -16.61
CA MET B 17 10.46 15.98 -16.97
C MET B 17 10.58 15.67 -18.46
N SER B 18 11.82 15.49 -18.94
CA SER B 18 12.04 15.39 -20.37
C SER B 18 11.33 14.18 -20.98
N ASN B 19 11.37 13.04 -20.29
CA ASN B 19 10.83 11.80 -20.86
C ASN B 19 9.84 11.08 -19.97
N HIS B 20 9.46 11.64 -18.82
CA HIS B 20 8.48 11.02 -17.96
C HIS B 20 7.72 12.08 -17.17
N TYR B 21 6.54 11.70 -16.72
CA TYR B 21 5.77 12.45 -15.73
C TYR B 21 6.03 11.86 -14.34
N GLU B 22 5.85 12.69 -13.32
CA GLU B 22 6.08 12.27 -11.95
C GLU B 22 5.15 13.04 -11.02
N CYS B 23 5.03 12.54 -9.79
CA CYS B 23 4.24 13.19 -8.75
C CYS B 23 5.17 13.70 -7.65
N LYS B 24 5.03 14.98 -7.31
CA LYS B 24 5.71 15.58 -6.17
C LYS B 24 4.67 15.96 -5.14
N CYS B 25 5.05 15.86 -3.87
CA CYS B 25 4.09 15.97 -2.79
C CYS B 25 3.97 17.40 -2.27
N ILE B 26 2.80 17.69 -1.68
CA ILE B 26 2.60 18.98 -1.02
C ILE B 26 3.47 19.06 0.23
N GLU B 27 3.68 20.28 0.70
CA GLU B 27 4.48 20.48 1.91
C GLU B 27 3.86 19.71 3.07
N GLY B 28 4.70 18.97 3.78
CA GLY B 28 4.23 18.14 4.87
C GLY B 28 3.74 16.75 4.48
N TYR B 29 3.86 16.39 3.20
CA TYR B 29 3.45 15.07 2.73
C TYR B 29 4.60 14.44 1.94
N VAL B 30 4.68 13.12 1.99
CA VAL B 30 5.78 12.38 1.38
C VAL B 30 5.22 11.23 0.54
N LEU B 31 5.97 10.87 -0.51
CA LEU B 31 5.51 9.87 -1.45
C LEU B 31 5.38 8.51 -0.78
N ILE B 32 4.30 7.81 -1.11
CA ILE B 32 4.09 6.42 -0.73
C ILE B 32 4.29 5.49 -1.92
N ASN B 33 3.65 5.80 -3.04
CA ASN B 33 3.90 5.13 -4.32
C ASN B 33 4.09 6.21 -5.37
N GLU B 34 4.16 5.82 -6.64
CA GLU B 34 4.51 6.76 -7.69
C GLU B 34 3.50 7.90 -7.81
N ASP B 35 2.25 7.67 -7.41
CA ASP B 35 1.22 8.72 -7.57
C ASP B 35 0.36 8.82 -6.32
N THR B 36 0.97 8.75 -5.15
CA THR B 36 0.22 8.91 -3.91
C THR B 36 1.13 9.45 -2.82
N CYS B 37 0.68 10.49 -2.14
CA CYS B 37 1.41 11.08 -1.03
C CYS B 37 0.64 10.83 0.26
N GLY B 38 1.40 10.76 1.36
CA GLY B 38 0.81 10.56 2.67
C GLY B 38 1.36 11.57 3.64
N LYS B 39 0.61 11.76 4.74
CA LYS B 39 1.03 12.70 5.77
C LYS B 39 2.33 12.25 6.40
N LYS B 40 3.27 13.19 6.54
CA LYS B 40 4.57 12.90 7.13
C LYS B 40 4.49 13.04 8.65
N VAL B 41 4.78 11.95 9.35
CA VAL B 41 4.74 11.93 10.80
C VAL B 41 6.14 11.60 11.31
N VAL B 42 6.38 11.91 12.58
CA VAL B 42 7.67 11.69 13.23
C VAL B 42 7.62 10.37 13.98
N CYS B 43 8.60 9.51 13.72
CA CYS B 43 8.67 8.20 14.37
C CYS B 43 9.23 8.41 15.78
N ASP B 44 8.35 8.88 16.67
CA ASP B 44 8.71 9.12 18.07
C ASP B 44 7.69 8.57 19.06
N LYS B 45 6.59 8.00 18.59
CA LYS B 45 5.61 7.37 19.46
C LYS B 45 5.12 6.08 18.81
N VAL B 46 4.69 5.14 19.64
CA VAL B 46 4.27 3.83 19.16
C VAL B 46 3.04 3.96 18.26
N GLU B 47 2.22 4.99 18.47
CA GLU B 47 1.02 5.17 17.68
C GLU B 47 1.32 5.54 16.23
N ASN B 48 2.57 5.90 15.91
CA ASN B 48 2.95 6.26 14.56
C ASN B 48 3.52 5.09 13.77
N SER B 49 3.46 3.88 14.32
CA SER B 49 4.02 2.72 13.64
C SER B 49 3.34 2.54 12.28
N PHE B 50 4.14 2.16 11.29
CA PHE B 50 3.68 1.84 9.94
C PHE B 50 3.31 3.10 9.14
N LYS B 51 3.31 4.26 9.79
CA LYS B 51 2.94 5.50 9.12
C LYS B 51 4.13 6.09 8.39
N ALA B 52 3.84 6.87 7.35
CA ALA B 52 4.88 7.47 6.52
C ALA B 52 5.68 8.49 7.32
N CYS B 53 6.99 8.49 7.10
CA CYS B 53 7.88 9.44 7.77
C CYS B 53 8.85 10.13 6.83
N ASP B 54 8.97 9.71 5.58
CA ASP B 54 9.83 10.36 4.60
C ASP B 54 9.51 9.75 3.24
N GLU B 55 10.26 10.16 2.22
CA GLU B 55 9.97 9.70 0.87
C GLU B 55 10.20 8.20 0.78
N TYR B 56 9.13 7.45 0.51
CA TYR B 56 9.19 5.99 0.41
C TYR B 56 9.76 5.38 1.69
N ALA B 57 9.43 6.01 2.83
CA ALA B 57 9.90 5.58 4.13
C ALA B 57 8.74 5.54 5.11
N TYR B 58 8.81 4.62 6.07
CA TYR B 58 7.74 4.45 7.04
C TYR B 58 8.33 4.13 8.41
N CYS B 59 7.58 4.46 9.46
CA CYS B 59 8.03 4.19 10.81
C CYS B 59 7.98 2.69 11.08
N PHE B 60 9.15 2.11 11.32
CA PHE B 60 9.29 0.67 11.55
C PHE B 60 9.51 0.44 13.04
N ASP B 61 8.56 -0.24 13.68
CA ASP B 61 8.60 -0.50 15.11
C ASP B 61 9.12 -1.91 15.34
N LEU B 62 10.24 -2.02 16.05
CA LEU B 62 10.87 -3.30 16.33
C LEU B 62 11.37 -3.31 17.76
N GLY B 63 11.15 -4.41 18.47
CA GLY B 63 11.50 -4.54 19.85
C GLY B 63 12.59 -5.57 20.09
N ASN B 64 12.95 -5.70 21.38
CA ASN B 64 13.90 -6.71 21.84
C ASN B 64 15.24 -6.59 21.11
N LYS B 65 15.75 -5.36 21.04
CA LYS B 65 17.05 -5.12 20.41
C LYS B 65 17.76 -3.96 21.10
N ASN B 66 19.01 -4.19 21.49
CA ASN B 66 19.95 -3.21 22.01
C ASN B 66 19.33 -2.23 23.01
N ASN B 67 18.32 -2.68 23.74
CA ASN B 67 17.80 -1.98 24.90
C ASN B 67 17.69 -0.46 24.69
N GLU B 68 17.04 -0.10 23.59
CA GLU B 68 16.74 1.29 23.30
C GLU B 68 15.34 1.37 22.70
N LYS B 69 14.63 2.46 23.03
CA LYS B 69 13.33 2.72 22.43
C LYS B 69 13.53 2.75 20.92
N GLN B 70 13.01 1.74 20.21
CA GLN B 70 13.37 1.51 18.82
C GLN B 70 12.15 1.71 17.93
N ILE B 71 11.90 2.95 17.57
CA ILE B 71 11.00 3.32 16.47
C ILE B 71 11.84 4.17 15.52
N LYS B 72 11.98 3.68 14.29
CA LYS B 72 12.90 4.28 13.33
C LYS B 72 12.22 4.48 12.00
N CYS B 73 12.62 5.55 11.30
CA CYS B 73 12.20 5.75 9.92
C CYS B 73 13.06 4.88 9.03
N MET B 74 12.43 3.98 8.28
CA MET B 74 13.13 3.05 7.41
C MET B 74 12.48 3.03 6.03
N CYS B 75 13.27 2.68 5.02
CA CYS B 75 12.76 2.59 3.67
C CYS B 75 11.68 1.52 3.59
N ARG B 76 10.65 1.77 2.80
CA ARG B 76 9.59 0.80 2.62
C ARG B 76 10.11 -0.45 1.93
N THR B 77 9.34 -1.52 2.04
CA THR B 77 9.62 -2.73 1.28
C THR B 77 9.68 -2.40 -0.21
N GLU B 78 10.63 -3.02 -0.90
CA GLU B 78 10.93 -2.76 -2.31
C GLU B 78 11.67 -1.43 -2.51
N TYR B 79 12.24 -0.87 -1.45
CA TYR B 79 12.98 0.38 -1.54
C TYR B 79 14.25 0.27 -0.71
N THR B 80 15.23 1.10 -1.07
CA THR B 80 16.55 1.07 -0.44
C THR B 80 17.10 2.49 -0.41
N LEU B 81 18.00 2.74 0.53
CA LEU B 81 18.62 4.06 0.67
C LEU B 81 19.69 4.23 -0.40
N THR B 82 19.70 5.40 -1.04
CA THR B 82 20.73 5.74 -2.03
C THR B 82 20.84 7.25 -2.05
N ALA B 83 21.98 7.78 -1.58
CA ALA B 83 22.22 9.22 -1.52
C ALA B 83 21.27 9.91 -0.55
N GLY B 84 20.99 9.25 0.57
CA GLY B 84 20.20 9.82 1.63
C GLY B 84 18.70 9.77 1.44
N VAL B 85 18.23 9.15 0.36
CA VAL B 85 16.79 9.08 0.06
C VAL B 85 16.46 7.64 -0.33
N CYS B 86 15.30 7.16 0.11
CA CYS B 86 14.83 5.85 -0.31
C CYS B 86 14.45 5.89 -1.78
N VAL B 87 14.87 4.86 -2.51
CA VAL B 87 14.56 4.76 -3.94
C VAL B 87 14.12 3.34 -4.25
N PRO B 88 13.48 3.14 -5.39
CA PRO B 88 13.15 1.77 -5.81
C PRO B 88 14.42 0.92 -5.87
N ASN B 89 14.31 -0.34 -5.46
CA ASN B 89 15.50 -1.15 -5.30
C ASN B 89 16.27 -1.27 -6.61
N VAL B 90 15.57 -1.24 -7.75
CA VAL B 90 16.25 -1.26 -9.05
C VAL B 90 17.13 -0.03 -9.25
N CYS B 91 16.99 0.98 -8.39
CA CYS B 91 17.82 2.18 -8.44
C CYS B 91 18.94 2.17 -7.41
N ARG B 92 19.18 1.04 -6.74
CA ARG B 92 20.21 0.94 -5.72
C ARG B 92 21.55 1.40 -6.26
N ASP B 93 22.04 2.52 -5.72
CA ASP B 93 23.35 3.07 -6.06
C ASP B 93 23.54 3.19 -7.58
N LYS B 94 22.47 3.59 -8.27
CA LYS B 94 22.53 3.90 -9.69
C LYS B 94 22.69 5.40 -9.88
N VAL B 95 23.23 5.78 -11.03
CA VAL B 95 23.43 7.17 -11.39
C VAL B 95 22.67 7.44 -12.69
N CYS B 96 22.03 8.60 -12.76
CA CYS B 96 21.25 8.97 -13.94
C CYS B 96 21.75 10.25 -14.61
N GLY B 97 22.86 10.82 -14.13
CA GLY B 97 23.31 12.08 -14.68
C GLY B 97 22.38 13.21 -14.27
N LYS B 98 22.08 14.09 -15.24
CA LYS B 98 21.12 15.18 -15.02
C LYS B 98 19.71 14.60 -15.12
N GLY B 99 19.35 13.80 -14.13
CA GLY B 99 18.07 13.14 -14.13
C GLY B 99 17.83 12.41 -12.83
N LYS B 100 16.72 11.69 -12.79
CA LYS B 100 16.29 10.97 -11.60
C LYS B 100 16.02 9.52 -11.95
N CYS B 101 16.54 8.60 -11.14
CA CYS B 101 16.37 7.18 -11.38
C CYS B 101 14.96 6.75 -10.99
N ILE B 102 14.30 6.02 -11.88
CA ILE B 102 12.96 5.52 -11.65
C ILE B 102 12.87 4.10 -12.15
N VAL B 103 11.78 3.43 -11.79
CA VAL B 103 11.46 2.13 -12.37
C VAL B 103 10.99 2.34 -13.81
N ASP B 104 11.55 1.58 -14.74
CA ASP B 104 11.20 1.72 -16.15
C ASP B 104 9.74 1.33 -16.34
N PRO B 105 8.88 2.22 -16.84
CA PRO B 105 7.48 1.83 -17.05
C PRO B 105 7.31 0.65 -17.98
N ALA B 106 8.16 0.53 -19.00
CA ALA B 106 8.05 -0.56 -19.96
C ALA B 106 8.55 -1.88 -19.39
N ASN B 107 9.37 -1.86 -18.34
CA ASN B 107 9.87 -3.10 -17.74
C ASN B 107 10.14 -2.84 -16.26
N SER B 108 9.27 -3.37 -15.40
CA SER B 108 9.42 -3.15 -13.97
C SER B 108 10.69 -3.78 -13.41
N LEU B 109 11.31 -4.70 -14.14
CA LEU B 109 12.48 -5.40 -13.62
C LEU B 109 13.76 -4.58 -13.72
N THR B 110 13.78 -3.53 -14.53
CA THR B 110 14.96 -2.70 -14.70
C THR B 110 14.60 -1.25 -14.41
N HIS B 111 15.65 -0.41 -14.36
CA HIS B 111 15.50 1.01 -14.09
C HIS B 111 15.76 1.81 -15.35
N THR B 112 15.07 2.94 -15.47
CA THR B 112 15.35 3.95 -16.48
C THR B 112 15.64 5.27 -15.76
N CYS B 113 15.80 6.34 -16.52
CA CYS B 113 16.05 7.66 -15.96
C CYS B 113 15.04 8.66 -16.48
N SER B 114 14.51 9.48 -15.57
CA SER B 114 13.68 10.63 -15.90
C SER B 114 14.58 11.85 -15.91
N CYS B 115 14.83 12.40 -17.09
CA CYS B 115 15.85 13.42 -17.25
C CYS B 115 15.32 14.82 -16.96
N ASN B 116 16.17 15.64 -16.37
CA ASN B 116 15.81 17.03 -16.12
C ASN B 116 15.55 17.76 -17.43
N ILE B 117 14.58 18.67 -17.40
CA ILE B 117 14.24 19.44 -18.58
C ILE B 117 15.50 20.14 -19.10
N GLY B 118 15.68 20.09 -20.43
CA GLY B 118 16.90 20.50 -21.06
C GLY B 118 17.88 19.39 -21.31
N THR B 119 17.63 18.19 -20.76
CA THR B 119 18.45 17.02 -21.00
C THR B 119 17.54 15.88 -21.41
N ILE B 120 18.00 15.09 -22.39
CA ILE B 120 17.27 13.91 -22.83
C ILE B 120 18.09 12.68 -22.45
N LEU B 121 17.48 11.51 -22.65
CA LEU B 121 18.06 10.26 -22.17
C LEU B 121 18.86 9.60 -23.28
N ASN B 122 20.14 9.36 -23.02
CA ASN B 122 21.00 8.65 -23.95
C ASN B 122 20.84 7.15 -23.76
N GLN B 123 21.17 6.40 -24.82
CA GLN B 123 21.00 4.95 -24.77
C GLN B 123 21.93 4.28 -23.78
N ASN B 124 22.94 4.98 -23.27
CA ASN B 124 23.83 4.44 -22.25
C ASN B 124 23.20 4.46 -20.86
N LYS B 125 21.89 4.71 -20.77
CA LYS B 125 21.17 4.82 -19.50
C LYS B 125 21.70 5.98 -18.66
N LEU B 126 21.95 7.11 -19.31
CA LEU B 126 22.39 8.32 -18.63
C LEU B 126 21.71 9.53 -19.26
N CYS B 127 21.37 10.51 -18.42
CA CYS B 127 20.85 11.79 -18.89
C CYS B 127 22.05 12.71 -19.12
N ASP B 128 22.64 12.63 -20.31
CA ASP B 128 23.83 13.42 -20.61
C ASP B 128 23.83 13.97 -22.04
N ILE B 129 22.66 14.27 -22.59
CA ILE B 129 22.54 14.89 -23.91
C ILE B 129 21.69 16.15 -23.78
N GLN B 130 22.15 17.24 -24.37
CA GLN B 130 21.42 18.49 -24.33
C GLN B 130 20.24 18.44 -25.29
N GLY B 131 19.04 18.64 -24.77
CA GLY B 131 17.83 18.58 -25.57
C GLY B 131 16.64 19.11 -24.81
N ASP B 132 15.83 19.93 -25.46
CA ASP B 132 14.67 20.57 -24.82
C ASP B 132 13.40 19.83 -25.22
N THR B 133 12.55 19.58 -24.23
CA THR B 133 11.27 18.92 -24.45
C THR B 133 10.13 19.91 -24.29
N PRO B 134 9.12 19.88 -25.17
CA PRO B 134 7.95 20.74 -24.97
C PRO B 134 7.19 20.33 -23.72
N CYS B 135 6.44 21.29 -23.18
CA CYS B 135 5.58 21.03 -22.03
C CYS B 135 4.20 20.58 -22.52
N SER B 136 3.76 19.43 -22.03
CA SER B 136 2.44 18.88 -22.35
C SER B 136 1.73 18.57 -21.04
N LEU B 137 1.08 19.58 -20.46
CA LEU B 137 0.37 19.45 -19.21
C LEU B 137 -1.03 20.02 -19.35
N LYS B 138 -1.99 19.37 -18.70
CA LYS B 138 -3.36 19.86 -18.65
C LYS B 138 -3.52 20.62 -17.33
N CYS B 139 -3.24 21.91 -17.37
CA CYS B 139 -3.32 22.73 -16.17
C CYS B 139 -4.75 23.18 -15.92
N ALA B 140 -5.06 23.44 -14.66
CA ALA B 140 -6.41 23.79 -14.23
C ALA B 140 -6.70 25.25 -14.57
N GLU B 141 -7.83 25.76 -14.07
CA GLU B 141 -8.27 27.11 -14.41
C GLU B 141 -7.25 28.15 -13.94
N ASN B 142 -6.93 29.08 -14.84
CA ASN B 142 -5.99 30.16 -14.55
C ASN B 142 -4.61 29.62 -14.16
N GLU B 143 -4.26 28.45 -14.66
CA GLU B 143 -2.96 27.84 -14.43
C GLU B 143 -2.26 27.63 -15.77
N VAL B 144 -0.97 27.92 -15.80
CA VAL B 144 -0.16 27.81 -17.01
C VAL B 144 1.11 27.02 -16.69
N CYS B 145 1.63 26.32 -17.68
CA CYS B 145 2.84 25.54 -17.50
C CYS B 145 4.00 26.47 -17.15
N THR B 146 4.76 26.08 -16.12
CA THR B 146 5.88 26.87 -15.61
C THR B 146 7.06 25.95 -15.36
N LEU B 147 8.26 26.45 -15.64
CA LEU B 147 9.49 25.69 -15.42
C LEU B 147 9.94 25.91 -13.97
N GLU B 148 9.89 24.85 -13.17
CA GLU B 148 10.35 24.87 -11.79
C GLU B 148 11.63 24.03 -11.72
N GLY B 149 12.76 24.66 -12.00
CA GLY B 149 14.04 23.97 -11.92
C GLY B 149 14.22 22.95 -13.01
N ASN B 150 14.12 21.67 -12.64
CA ASN B 150 14.38 20.57 -13.55
C ASN B 150 13.12 20.01 -14.20
N TYR B 151 11.95 20.62 -13.97
CA TYR B 151 10.71 20.02 -14.44
C TYR B 151 9.68 21.09 -14.73
N TYR B 152 8.69 20.72 -15.55
CA TYR B 152 7.51 21.54 -15.76
C TYR B 152 6.46 21.21 -14.71
N THR B 153 5.69 22.22 -14.33
CA THR B 153 4.56 22.00 -13.42
C THR B 153 3.59 23.16 -13.57
N CYS B 154 2.33 22.90 -13.23
CA CYS B 154 1.30 23.92 -13.34
C CYS B 154 1.35 24.85 -12.14
N LYS B 155 1.34 26.15 -12.41
CA LYS B 155 1.38 27.18 -11.37
C LYS B 155 0.43 28.29 -11.81
N GLU B 156 -0.06 29.04 -10.83
CA GLU B 156 -1.09 30.04 -11.08
C GLU B 156 -0.49 31.36 -11.53
N ASP B 157 -1.25 32.08 -12.35
CA ASP B 157 -0.88 33.41 -12.82
C ASP B 157 -2.16 34.22 -13.01
N PRO B 158 -2.07 35.56 -12.97
CA PRO B 158 -3.27 36.38 -13.18
C PRO B 158 -3.85 36.25 -14.59
#